data_8FQ7
#
_entry.id   8FQ7
#
_cell.length_a   78.290
_cell.length_b   78.290
_cell.length_c   38.220
_cell.angle_alpha   90.000
_cell.angle_beta   90.000
_cell.angle_gamma   90.000
#
_symmetry.space_group_name_H-M   'I 4'
#
loop_
_entity.id
_entity.type
_entity.pdbx_description
1 polymer 'Nanobody with WIW insert in CDR3 loop to target tau fibrils'
2 non-polymer GLYCEROL
3 water water
#
_entity_poly.entity_id   1
_entity_poly.type   'polypeptide(L)'
_entity_poly.pdbx_seq_one_letter_code
;MAQVQLQESGGGLVQPGGSLRLSCAASGRTFSSYNMGWFRQAPGKGREFVASITSSGDKSDYTDSVKGRFTISRDNAKNT
MYLQMNNLKPEDTATYYCARGGGSVWIWYEGGGTQVTVSSHHHHHH
;
_entity_poly.pdbx_strand_id   A
#
# COMPACT_ATOMS: atom_id res chain seq x y z
N GLN A 3 -13.92 16.42 -3.70
CA GLN A 3 -13.23 15.23 -4.16
C GLN A 3 -12.59 14.48 -2.99
N VAL A 4 -12.73 13.15 -3.01
CA VAL A 4 -12.15 12.32 -1.97
C VAL A 4 -10.64 12.25 -2.14
N GLN A 5 -9.91 12.31 -1.04
CA GLN A 5 -8.46 12.20 -1.04
C GLN A 5 -8.07 10.89 -0.39
N LEU A 6 -7.18 10.14 -1.07
CA LEU A 6 -6.56 8.91 -0.55
C LEU A 6 -5.05 9.10 -0.70
N GLN A 7 -4.44 9.79 0.25
CA GLN A 7 -3.08 10.27 0.10
C GLN A 7 -2.08 9.27 0.67
N GLU A 8 -1.08 8.91 -0.13
CA GLU A 8 -0.07 7.93 0.27
C GLU A 8 1.16 8.61 0.86
N SER A 9 1.77 7.94 1.84
CA SER A 9 3.00 8.42 2.45
C SER A 9 3.81 7.21 2.96
N GLY A 10 5.07 7.48 3.34
CA GLY A 10 5.91 6.47 3.94
C GLY A 10 6.97 5.91 3.03
N GLY A 11 6.95 6.23 1.74
CA GLY A 11 7.94 5.73 0.82
C GLY A 11 9.34 6.24 1.13
N GLY A 12 10.31 5.48 0.65
CA GLY A 12 11.69 5.83 0.86
C GLY A 12 12.60 4.85 0.16
N LEU A 13 13.86 4.86 0.56
CA LEU A 13 14.86 3.99 -0.02
C LEU A 13 15.46 3.14 1.09
N VAL A 14 15.50 1.82 0.87
CA VAL A 14 16.06 0.89 1.84
C VAL A 14 16.93 -0.13 1.13
N GLN A 15 17.79 -0.80 1.90
CA GLN A 15 18.55 -1.92 1.39
C GLN A 15 17.68 -3.17 1.39
N PRO A 16 18.03 -4.18 0.59
CA PRO A 16 17.29 -5.45 0.64
C PRO A 16 17.26 -5.99 2.07
N GLY A 17 16.12 -6.59 2.43
CA GLY A 17 15.89 -7.05 3.77
C GLY A 17 15.38 -6.00 4.73
N GLY A 18 15.36 -4.74 4.32
CA GLY A 18 14.86 -3.67 5.15
C GLY A 18 13.35 -3.64 5.21
N SER A 19 12.85 -2.65 5.96
CA SER A 19 11.42 -2.48 6.20
C SER A 19 10.98 -1.04 5.97
N LEU A 20 9.74 -0.89 5.54
CA LEU A 20 9.08 0.41 5.40
C LEU A 20 7.62 0.23 5.76
N ARG A 21 7.01 1.28 6.31
CA ARG A 21 5.59 1.30 6.63
C ARG A 21 4.91 2.41 5.82
N LEU A 22 4.01 2.03 4.93
CA LEU A 22 3.26 3.02 4.15
C LEU A 22 1.93 3.32 4.81
N SER A 23 1.41 4.53 4.56
CA SER A 23 0.11 4.94 5.07
C SER A 23 -0.73 5.55 3.94
N CYS A 24 -2.03 5.33 4.03
N CYS A 24 -2.04 5.28 4.00
CA CYS A 24 -3.02 5.87 3.09
CA CYS A 24 -3.04 5.84 3.10
C CYS A 24 -4.06 6.56 3.97
C CYS A 24 -4.03 6.57 4.00
N ALA A 25 -4.06 7.89 3.94
CA ALA A 25 -4.92 8.70 4.81
C ALA A 25 -6.09 9.24 3.99
N ALA A 26 -7.30 8.94 4.43
CA ALA A 26 -8.50 9.31 3.70
C ALA A 26 -9.21 10.50 4.35
N SER A 27 -9.82 11.32 3.51
CA SER A 27 -10.77 12.30 3.98
C SER A 27 -12.15 11.66 4.11
N GLY A 28 -13.07 12.38 4.75
CA GLY A 28 -14.46 11.95 4.84
C GLY A 28 -14.78 11.34 6.20
N ARG A 29 -16.03 10.88 6.31
CA ARG A 29 -16.57 10.31 7.54
C ARG A 29 -17.07 8.88 7.40
N THR A 30 -16.92 8.26 6.24
CA THR A 30 -17.39 6.89 6.03
C THR A 30 -16.25 5.97 5.59
N PHE A 31 -15.03 6.30 5.99
CA PHE A 31 -13.86 5.49 5.62
C PHE A 31 -14.06 4.03 5.98
N SER A 32 -14.63 3.77 7.15
CA SER A 32 -14.74 2.41 7.67
C SER A 32 -15.68 1.53 6.85
N SER A 33 -16.46 2.11 5.93
CA SER A 33 -17.50 1.34 5.25
C SER A 33 -17.03 0.65 3.97
N TYR A 34 -15.78 0.89 3.53
CA TYR A 34 -15.30 0.40 2.25
C TYR A 34 -14.11 -0.54 2.41
N ASN A 35 -14.07 -1.59 1.58
CA ASN A 35 -12.84 -2.31 1.35
C ASN A 35 -11.78 -1.37 0.80
N MET A 36 -10.52 -1.61 1.14
CA MET A 36 -9.42 -0.76 0.74
C MET A 36 -8.26 -1.62 0.26
N GLY A 37 -7.43 -1.08 -0.62
CA GLY A 37 -6.37 -1.88 -1.19
C GLY A 37 -5.14 -1.06 -1.55
N TRP A 38 -4.01 -1.76 -1.59
CA TRP A 38 -2.75 -1.21 -2.09
C TRP A 38 -2.40 -1.84 -3.42
N PHE A 39 -1.84 -1.01 -4.30
CA PHE A 39 -1.45 -1.37 -5.66
C PHE A 39 -0.07 -0.78 -5.89
N ARG A 40 0.64 -1.28 -6.91
CA ARG A 40 1.96 -0.73 -7.19
C ARG A 40 2.26 -0.77 -8.68
N GLN A 41 3.12 0.13 -9.11
CA GLN A 41 3.53 0.24 -10.51
C GLN A 41 5.04 0.27 -10.54
N ALA A 42 5.64 -0.86 -10.96
CA ALA A 42 7.08 -1.08 -11.06
C ALA A 42 7.58 -0.51 -12.38
N PRO A 43 8.89 -0.25 -12.47
CA PRO A 43 9.45 0.28 -13.72
C PRO A 43 9.04 -0.52 -14.94
N GLY A 44 8.51 0.19 -15.94
CA GLY A 44 8.10 -0.41 -17.19
C GLY A 44 6.84 -1.24 -17.15
N LYS A 45 6.16 -1.31 -16.01
CA LYS A 45 4.98 -2.16 -15.86
C LYS A 45 3.75 -1.33 -15.55
N GLY A 46 2.59 -2.00 -15.54
CA GLY A 46 1.34 -1.36 -15.18
C GLY A 46 1.08 -1.43 -13.68
N ARG A 47 -0.08 -0.92 -13.28
CA ARG A 47 -0.49 -0.99 -11.89
C ARG A 47 -1.01 -2.39 -11.56
N GLU A 48 -0.54 -2.92 -10.43
CA GLU A 48 -0.84 -4.30 -10.08
C GLU A 48 -1.23 -4.39 -8.61
N PHE A 49 -2.10 -5.35 -8.32
CA PHE A 49 -2.60 -5.58 -6.97
C PHE A 49 -1.46 -5.99 -6.03
N VAL A 50 -1.49 -5.44 -4.80
CA VAL A 50 -0.57 -5.84 -3.75
C VAL A 50 -1.30 -6.51 -2.60
N ALA A 51 -2.30 -5.82 -2.02
CA ALA A 51 -3.02 -6.34 -0.86
C ALA A 51 -4.35 -5.60 -0.73
N SER A 52 -5.30 -6.26 -0.09
CA SER A 52 -6.59 -5.62 0.18
C SER A 52 -7.10 -6.05 1.54
N ILE A 53 -8.03 -5.27 2.08
CA ILE A 53 -8.56 -5.50 3.42
C ILE A 53 -10.04 -5.10 3.42
N THR A 54 -10.85 -5.87 4.15
CA THR A 54 -12.28 -5.57 4.20
C THR A 54 -12.53 -4.32 5.06
N SER A 55 -13.73 -3.76 4.89
CA SER A 55 -14.16 -2.57 5.62
C SER A 55 -13.89 -2.70 7.13
N SER A 56 -14.30 -3.81 7.73
CA SER A 56 -14.14 -4.00 9.16
C SER A 56 -12.73 -4.39 9.55
N GLY A 57 -11.90 -4.78 8.58
CA GLY A 57 -10.55 -5.24 8.85
C GLY A 57 -10.43 -6.72 9.14
N ASP A 58 -11.52 -7.47 9.04
CA ASP A 58 -11.52 -8.86 9.49
C ASP A 58 -10.92 -9.84 8.48
N LYS A 59 -10.68 -9.42 7.24
CA LYS A 59 -10.17 -10.31 6.22
C LYS A 59 -9.23 -9.54 5.30
N SER A 60 -8.14 -10.18 4.88
CA SER A 60 -7.17 -9.56 4.00
CA SER A 60 -7.14 -9.56 4.01
C SER A 60 -6.75 -10.55 2.92
N ASP A 61 -6.24 -10.01 1.82
CA ASP A 61 -5.74 -10.80 0.71
CA ASP A 61 -5.73 -10.80 0.71
C ASP A 61 -4.46 -10.16 0.19
N TYR A 62 -3.56 -10.99 -0.35
CA TYR A 62 -2.25 -10.54 -0.78
C TYR A 62 -1.90 -11.17 -2.12
N THR A 63 -1.18 -10.43 -2.96
CA THR A 63 -0.60 -11.05 -4.13
C THR A 63 0.48 -12.04 -3.70
N ASP A 64 0.65 -13.12 -4.48
CA ASP A 64 1.53 -14.22 -4.07
C ASP A 64 2.94 -13.74 -3.74
N SER A 65 3.46 -12.78 -4.48
CA SER A 65 4.86 -12.41 -4.33
C SER A 65 5.16 -11.65 -3.04
N VAL A 66 4.15 -11.17 -2.32
CA VAL A 66 4.36 -10.47 -1.06
C VAL A 66 3.82 -11.23 0.13
N LYS A 67 3.13 -12.34 -0.08
CA LYS A 67 2.50 -13.06 1.02
C LYS A 67 3.55 -13.45 2.05
N GLY A 68 3.26 -13.14 3.32
CA GLY A 68 4.14 -13.44 4.42
C GLY A 68 5.10 -12.31 4.77
N ARG A 69 5.42 -11.45 3.80
CA ARG A 69 6.35 -10.35 4.02
C ARG A 69 5.63 -9.03 4.30
N PHE A 70 4.47 -8.83 3.70
CA PHE A 70 3.74 -7.57 3.84
C PHE A 70 2.51 -7.83 4.69
N THR A 71 2.11 -6.83 5.47
CA THR A 71 0.88 -6.93 6.26
C THR A 71 0.06 -5.67 6.04
N ILE A 72 -1.18 -5.84 5.61
CA ILE A 72 -2.11 -4.72 5.45
C ILE A 72 -2.94 -4.62 6.71
N SER A 73 -3.22 -3.38 7.14
CA SER A 73 -4.06 -3.15 8.31
C SER A 73 -4.77 -1.81 8.13
N ARG A 74 -5.71 -1.53 9.02
CA ARG A 74 -6.38 -0.23 8.99
C ARG A 74 -6.77 0.18 10.40
N ASP A 75 -6.84 1.49 10.60
CA ASP A 75 -7.34 2.07 11.84
C ASP A 75 -8.51 2.94 11.43
N ASN A 76 -9.72 2.40 11.58
CA ASN A 76 -10.89 3.14 11.10
C ASN A 76 -11.12 4.41 11.89
N ALA A 77 -10.76 4.42 13.17
CA ALA A 77 -10.91 5.64 13.98
C ALA A 77 -10.01 6.77 13.49
N LYS A 78 -8.92 6.45 12.78
CA LYS A 78 -8.01 7.44 12.24
C LYS A 78 -8.12 7.59 10.72
N ASN A 79 -9.07 6.91 10.09
CA ASN A 79 -9.28 7.02 8.64
C ASN A 79 -8.01 6.66 7.86
N THR A 80 -7.24 5.71 8.36
CA THR A 80 -5.94 5.41 7.77
C THR A 80 -5.77 3.92 7.53
N MET A 81 -5.16 3.57 6.40
CA MET A 81 -4.76 2.20 6.10
C MET A 81 -3.24 2.16 6.01
N TYR A 82 -2.67 1.02 6.39
CA TYR A 82 -1.24 0.85 6.44
C TYR A 82 -0.80 -0.35 5.63
N LEU A 83 0.46 -0.31 5.18
CA LEU A 83 1.11 -1.48 4.60
C LEU A 83 2.48 -1.59 5.26
N GLN A 84 2.64 -2.60 6.10
CA GLN A 84 3.92 -2.86 6.73
C GLN A 84 4.68 -3.80 5.81
N MET A 85 5.79 -3.33 5.25
CA MET A 85 6.57 -4.10 4.29
C MET A 85 7.86 -4.51 4.95
N ASN A 86 8.01 -5.80 5.24
CA ASN A 86 9.24 -6.33 5.80
C ASN A 86 9.97 -7.17 4.76
N ASN A 87 11.25 -7.43 5.04
CA ASN A 87 12.05 -8.31 4.19
C ASN A 87 11.96 -7.88 2.73
N LEU A 88 12.20 -6.58 2.51
CA LEU A 88 11.97 -6.00 1.19
C LEU A 88 13.00 -6.52 0.19
N LYS A 89 12.57 -6.62 -1.06
CA LYS A 89 13.38 -7.13 -2.16
C LYS A 89 13.46 -6.09 -3.27
N PRO A 90 14.51 -6.12 -4.08
CA PRO A 90 14.58 -5.18 -5.22
C PRO A 90 13.33 -5.20 -6.10
N GLU A 91 12.69 -6.36 -6.28
CA GLU A 91 11.49 -6.47 -7.10
C GLU A 91 10.30 -5.74 -6.51
N ASP A 92 10.39 -5.29 -5.25
CA ASP A 92 9.34 -4.49 -4.63
C ASP A 92 9.44 -3.01 -4.97
N THR A 93 10.50 -2.59 -5.67
CA THR A 93 10.63 -1.20 -6.07
C THR A 93 9.49 -0.81 -7.00
N ALA A 94 8.79 0.27 -6.65
CA ALA A 94 7.61 0.68 -7.42
C ALA A 94 7.05 1.95 -6.76
N THR A 95 6.12 2.59 -7.46
CA THR A 95 5.27 3.58 -6.82
C THR A 95 4.02 2.87 -6.31
N TYR A 96 3.68 3.11 -5.05
CA TYR A 96 2.56 2.43 -4.39
C TYR A 96 1.38 3.39 -4.27
N TYR A 97 0.18 2.86 -4.56
CA TYR A 97 -1.05 3.62 -4.59
C TYR A 97 -2.11 2.92 -3.76
N CYS A 98 -2.96 3.69 -3.11
N CYS A 98 -2.95 3.72 -3.12
CA CYS A 98 -4.09 3.07 -2.45
CA CYS A 98 -4.14 3.24 -2.42
C CYS A 98 -5.38 3.40 -3.20
C CYS A 98 -5.36 3.35 -3.31
N ALA A 99 -6.38 2.56 -2.98
CA ALA A 99 -7.64 2.60 -3.71
C ALA A 99 -8.76 2.14 -2.80
N ARG A 100 -9.95 2.64 -3.09
CA ARG A 100 -11.16 2.29 -2.37
C ARG A 100 -11.99 1.32 -3.21
N GLY A 101 -12.50 0.28 -2.58
CA GLY A 101 -13.23 -0.75 -3.29
C GLY A 101 -14.70 -0.40 -3.39
N GLY A 102 -15.25 -0.58 -4.58
CA GLY A 102 -16.67 -0.51 -4.79
C GLY A 102 -17.19 -1.79 -5.40
N GLY A 103 -18.31 -1.69 -6.13
CA GLY A 103 -18.84 -2.79 -6.88
C GLY A 103 -17.92 -3.24 -8.00
N SER A 104 -17.08 -4.23 -7.71
CA SER A 104 -16.18 -4.86 -8.69
C SER A 104 -15.11 -3.92 -9.23
N VAL A 105 -14.89 -2.77 -8.59
CA VAL A 105 -13.87 -1.83 -9.04
C VAL A 105 -13.04 -1.34 -7.86
N TRP A 106 -11.80 -0.97 -8.15
CA TRP A 106 -10.95 -0.24 -7.22
C TRP A 106 -10.78 1.17 -7.77
N ILE A 107 -11.12 2.18 -6.97
CA ILE A 107 -11.08 3.58 -7.42
C ILE A 107 -9.91 4.29 -6.76
N TRP A 108 -9.08 4.98 -7.56
CA TRP A 108 -7.87 5.60 -7.04
C TRP A 108 -8.18 6.82 -6.17
N TYR A 109 -9.11 7.67 -6.59
CA TYR A 109 -9.27 9.01 -6.03
C TYR A 109 -7.98 9.83 -6.07
N GLU A 110 -7.90 10.90 -5.26
CA GLU A 110 -6.80 11.84 -5.34
C GLU A 110 -5.62 11.40 -4.48
N GLY A 111 -4.43 11.43 -5.07
CA GLY A 111 -3.20 11.03 -4.40
C GLY A 111 -2.14 10.62 -5.40
N GLY A 112 -0.92 11.11 -5.22
CA GLY A 112 0.13 10.86 -6.18
C GLY A 112 0.95 9.60 -5.95
N GLY A 113 0.57 8.75 -5.01
CA GLY A 113 1.37 7.58 -4.70
C GLY A 113 2.56 7.91 -3.84
N THR A 114 3.28 6.86 -3.44
CA THR A 114 4.52 7.03 -2.68
C THR A 114 5.57 6.07 -3.23
N GLN A 115 6.78 6.57 -3.43
CA GLN A 115 7.82 5.83 -4.14
C GLN A 115 8.63 4.97 -3.17
N VAL A 116 8.82 3.70 -3.53
CA VAL A 116 9.59 2.75 -2.73
C VAL A 116 10.74 2.24 -3.58
N THR A 117 11.96 2.43 -3.11
CA THR A 117 13.16 1.92 -3.78
C THR A 117 13.87 0.95 -2.85
N VAL A 118 14.10 -0.28 -3.33
CA VAL A 118 14.86 -1.28 -2.60
C VAL A 118 16.10 -1.59 -3.44
N SER A 119 17.27 -1.22 -2.95
CA SER A 119 18.45 -1.32 -3.80
C SER A 119 19.66 -1.78 -3.01
N SER A 120 20.37 -2.76 -3.56
CA SER A 120 21.67 -3.17 -3.06
C SER A 120 22.70 -2.23 -3.64
N HIS A 121 23.11 -1.24 -2.85
CA HIS A 121 24.08 -0.24 -3.28
C HIS A 121 25.22 -0.19 -2.28
N HIS A 122 26.29 0.48 -2.67
CA HIS A 122 27.44 0.64 -1.78
C HIS A 122 27.00 1.30 -0.48
N HIS A 123 27.66 0.93 0.60
CA HIS A 123 27.34 1.44 1.93
C HIS A 123 28.10 2.75 2.16
N HIS A 124 27.39 3.76 2.66
CA HIS A 124 27.93 5.11 2.80
C HIS A 124 27.94 5.47 4.28
N HIS A 125 28.94 4.97 4.99
CA HIS A 125 29.09 5.27 6.41
C HIS A 125 30.57 5.28 6.82
#